data_2XV6
#
_entry.id   2XV6
#
_cell.length_a   34.451
_cell.length_b   60.118
_cell.length_c   96.662
_cell.angle_alpha   90.00
_cell.angle_beta   99.70
_cell.angle_gamma   90.00
#
_symmetry.space_group_name_H-M   'P 1 21 1'
#
loop_
_entity.id
_entity.type
_entity.pdbx_description
1 polymer 'CAPSID PROTEIN P24'
2 polymer 'CAMELID VHH 9'
3 water water
#
loop_
_entity_poly.entity_id
_entity_poly.type
_entity_poly.pdbx_seq_one_letter_code
_entity_poly.pdbx_strand_id
1 'polypeptide(L)' SPTSILDIRQGPKEPFRDYVDRFYKTLRAEQASQEVKNWMTETLLVQNANPDCKTILKALGPGATLEEMMTACQG A,C
2 'polypeptide(L)'
;MAQVQLVESGGGLVQAGGSLRLSCAASGSFFMSNVMAWYRQAPGKARELIAAIRGGDMSTVYDDSVKGRFTITRDDDKNI
LYLQMNDLKPEDTAMYYCKASGSSWGQGTQVTVSSHHHHHH
;
B,D
#
# COMPACT_ATOMS: atom_id res chain seq x y z
N SER A 1 -24.65 -11.98 21.50
CA SER A 1 -24.19 -10.63 21.17
C SER A 1 -22.87 -10.30 21.90
N PRO A 2 -21.86 -9.65 21.24
CA PRO A 2 -21.81 -9.21 19.84
C PRO A 2 -21.57 -10.35 18.86
N THR A 3 -22.33 -10.36 17.79
CA THR A 3 -22.15 -11.37 16.76
C THR A 3 -21.85 -10.65 15.44
N SER A 4 -20.88 -11.18 14.69
CA SER A 4 -20.59 -10.63 13.36
C SER A 4 -21.75 -11.00 12.44
N ILE A 5 -22.23 -10.02 11.63
CA ILE A 5 -23.25 -10.31 10.61
C ILE A 5 -22.80 -11.48 9.69
N LEU A 6 -21.46 -11.65 9.48
CA LEU A 6 -20.91 -12.70 8.61
C LEU A 6 -21.28 -14.11 9.11
N ASP A 7 -21.53 -14.24 10.42
CA ASP A 7 -21.83 -15.50 11.09
C ASP A 7 -23.33 -15.84 11.19
N ILE A 8 -24.20 -14.92 10.75
CA ILE A 8 -25.64 -15.21 10.83
C ILE A 8 -26.02 -16.10 9.67
N ARG A 9 -26.28 -17.39 9.94
CA ARG A 9 -26.63 -18.35 8.93
C ARG A 9 -27.92 -19.05 9.29
N GLN A 10 -28.81 -19.20 8.30
CA GLN A 10 -30.11 -19.83 8.53
C GLN A 10 -29.93 -21.30 8.95
N GLY A 11 -30.65 -21.69 9.99
CA GLY A 11 -30.60 -23.07 10.47
C GLY A 11 -31.29 -23.99 9.47
N PRO A 12 -30.96 -25.32 9.47
CA PRO A 12 -31.60 -26.22 8.49
C PRO A 12 -33.12 -26.31 8.58
N LYS A 13 -33.68 -26.11 9.76
CA LYS A 13 -35.13 -26.14 10.00
C LYS A 13 -35.67 -24.79 10.45
N GLU A 14 -34.83 -23.73 10.36
CA GLU A 14 -35.25 -22.40 10.79
C GLU A 14 -36.13 -21.73 9.70
N PRO A 15 -37.36 -21.24 10.05
CA PRO A 15 -38.17 -20.53 9.05
C PRO A 15 -37.44 -19.30 8.52
N PHE A 16 -37.57 -19.01 7.22
CA PHE A 16 -36.88 -17.88 6.58
C PHE A 16 -37.14 -16.55 7.29
N ARG A 17 -38.41 -16.31 7.73
CA ARG A 17 -38.78 -15.08 8.47
C ARG A 17 -37.99 -14.92 9.78
N ASP A 18 -37.73 -16.04 10.48
CA ASP A 18 -36.98 -16.06 11.73
C ASP A 18 -35.51 -15.73 11.47
N TYR A 19 -34.95 -16.26 10.36
CA TYR A 19 -33.57 -16.00 9.96
C TYR A 19 -33.44 -14.51 9.57
N VAL A 20 -34.41 -13.99 8.79
CA VAL A 20 -34.46 -12.58 8.39
C VAL A 20 -34.40 -11.67 9.64
N ASP A 21 -35.21 -12.00 10.67
CA ASP A 21 -35.28 -11.27 11.93
C ASP A 21 -33.94 -11.25 12.64
N ARG A 22 -33.28 -12.44 12.82
CA ARG A 22 -31.96 -12.53 13.46
C ARG A 22 -30.92 -11.76 12.66
N PHE A 23 -31.00 -11.83 11.30
CA PHE A 23 -30.05 -11.15 10.39
C PHE A 23 -30.15 -9.66 10.59
N TYR A 24 -31.37 -9.10 10.49
CA TYR A 24 -31.54 -7.65 10.64
C TYR A 24 -31.25 -7.16 12.06
N LYS A 25 -31.60 -7.94 13.09
CA LYS A 25 -31.30 -7.57 14.48
C LYS A 25 -29.79 -7.48 14.66
N THR A 26 -29.05 -8.48 14.15
CA THR A 26 -27.57 -8.51 14.27
C THR A 26 -26.96 -7.36 13.46
N LEU A 27 -27.46 -7.11 12.24
CA LEU A 27 -26.93 -6.04 11.40
C LEU A 27 -27.25 -4.66 11.98
N ARG A 28 -28.41 -4.50 12.65
CA ARG A 28 -28.74 -3.23 13.32
C ARG A 28 -27.74 -2.99 14.46
N ALA A 29 -27.33 -4.06 15.16
CA ALA A 29 -26.37 -4.01 16.29
C ALA A 29 -24.92 -3.79 15.84
N GLU A 30 -24.58 -4.14 14.57
CA GLU A 30 -23.22 -3.93 14.05
C GLU A 30 -22.87 -2.46 14.03
N GLN A 31 -21.65 -2.10 14.43
CA GLN A 31 -21.17 -0.72 14.37
C GLN A 31 -20.62 -0.52 12.97
N ALA A 32 -21.47 0.04 12.09
CA ALA A 32 -21.13 0.26 10.70
C ALA A 32 -22.02 1.36 10.12
N SER A 33 -21.62 1.92 8.99
CA SER A 33 -22.39 2.95 8.33
C SER A 33 -23.61 2.29 7.66
N GLN A 34 -24.63 3.08 7.29
CA GLN A 34 -25.83 2.55 6.61
C GLN A 34 -25.43 1.96 5.25
N GLU A 35 -24.45 2.59 4.55
CA GLU A 35 -23.95 2.11 3.26
C GLU A 35 -23.38 0.69 3.42
N VAL A 36 -22.56 0.47 4.46
CA VAL A 36 -21.97 -0.86 4.72
C VAL A 36 -23.07 -1.87 5.05
N LYS A 37 -24.06 -1.47 5.88
CA LYS A 37 -25.17 -2.35 6.24
C LYS A 37 -26.01 -2.75 5.02
N ASN A 38 -26.32 -1.79 4.10
CA ASN A 38 -27.05 -2.15 2.86
C ASN A 38 -26.25 -3.11 1.96
N TRP A 39 -24.92 -2.92 1.89
CA TRP A 39 -24.05 -3.81 1.10
C TRP A 39 -24.12 -5.22 1.70
N MET A 40 -24.04 -5.34 3.05
CA MET A 40 -24.11 -6.63 3.76
C MET A 40 -25.41 -7.35 3.45
N THR A 41 -26.55 -6.61 3.45
CA THR A 41 -27.84 -7.22 3.13
C THR A 41 -27.82 -7.79 1.70
N GLU A 42 -27.25 -7.03 0.76
CA GLU A 42 -27.22 -7.44 -0.65
C GLU A 42 -26.26 -8.61 -0.89
N THR A 43 -25.19 -8.72 -0.10
CA THR A 43 -24.18 -9.76 -0.31
C THR A 43 -24.38 -11.02 0.58
N LEU A 44 -24.98 -10.90 1.78
CA LEU A 44 -25.07 -12.02 2.73
C LEU A 44 -26.42 -12.68 2.91
N LEU A 45 -27.52 -11.92 2.83
CA LEU A 45 -28.84 -12.49 3.14
C LEU A 45 -29.19 -13.77 2.37
N VAL A 46 -29.02 -13.76 1.04
CA VAL A 46 -29.28 -14.94 0.23
C VAL A 46 -28.17 -15.99 0.46
N GLN A 47 -26.92 -15.54 0.41
CA GLN A 47 -25.73 -16.36 0.57
C GLN A 47 -25.72 -17.19 1.86
N ASN A 48 -26.22 -16.60 2.95
CA ASN A 48 -26.27 -17.26 4.25
C ASN A 48 -27.59 -17.96 4.54
N ALA A 49 -28.51 -17.99 3.55
CA ALA A 49 -29.77 -18.74 3.71
C ALA A 49 -29.45 -20.27 3.67
N ASN A 50 -30.33 -21.13 4.23
CA ASN A 50 -30.12 -22.59 4.20
C ASN A 50 -30.25 -23.14 2.75
N PRO A 51 -29.80 -24.39 2.44
CA PRO A 51 -29.88 -24.87 1.05
C PRO A 51 -31.27 -24.80 0.37
N ASP A 52 -32.36 -25.10 1.13
CA ASP A 52 -33.74 -25.03 0.59
C ASP A 52 -34.09 -23.61 0.18
N CYS A 53 -33.88 -22.65 1.09
CA CYS A 53 -34.19 -21.25 0.80
C CYS A 53 -33.26 -20.65 -0.24
N LYS A 54 -31.94 -20.94 -0.16
CA LYS A 54 -30.96 -20.43 -1.15
C LYS A 54 -31.36 -20.81 -2.58
N THR A 55 -31.87 -22.04 -2.79
CA THR A 55 -32.33 -22.51 -4.11
C THR A 55 -33.51 -21.66 -4.63
N ILE A 56 -34.51 -21.44 -3.79
CA ILE A 56 -35.69 -20.64 -4.15
C ILE A 56 -35.26 -19.18 -4.46
N LEU A 57 -34.45 -18.60 -3.58
CA LEU A 57 -34.00 -17.20 -3.71
C LEU A 57 -33.18 -16.97 -4.95
N LYS A 58 -32.25 -17.88 -5.24
CA LYS A 58 -31.39 -17.75 -6.43
C LYS A 58 -32.25 -17.80 -7.71
N ALA A 59 -33.33 -18.63 -7.70
CA ALA A 59 -34.27 -18.77 -8.81
C ALA A 59 -35.06 -17.47 -9.06
N LEU A 60 -35.29 -16.65 -7.99
CA LEU A 60 -35.96 -15.34 -8.13
C LEU A 60 -35.11 -14.38 -8.95
N GLY A 61 -33.80 -14.59 -8.92
CA GLY A 61 -32.88 -13.73 -9.67
C GLY A 61 -32.52 -12.45 -8.94
N PRO A 62 -31.70 -11.59 -9.59
CA PRO A 62 -31.26 -10.35 -8.93
C PRO A 62 -32.33 -9.29 -8.84
N GLY A 63 -32.27 -8.46 -7.81
CA GLY A 63 -33.20 -7.36 -7.63
C GLY A 63 -34.46 -7.69 -6.85
N ALA A 64 -34.58 -8.92 -6.33
CA ALA A 64 -35.75 -9.31 -5.53
C ALA A 64 -35.79 -8.47 -4.26
N THR A 65 -36.99 -8.00 -3.88
CA THR A 65 -37.15 -7.20 -2.67
C THR A 65 -37.21 -8.18 -1.51
N LEU A 66 -37.01 -7.68 -0.27
CA LEU A 66 -37.16 -8.52 0.93
C LEU A 66 -38.55 -9.15 1.02
N GLU A 67 -39.62 -8.41 0.66
CA GLU A 67 -41.00 -8.90 0.72
C GLU A 67 -41.19 -10.09 -0.23
N GLU A 68 -40.64 -9.98 -1.44
CA GLU A 68 -40.65 -11.03 -2.46
C GLU A 68 -39.90 -12.29 -1.98
N MET A 69 -38.74 -12.08 -1.38
CA MET A 69 -37.91 -13.15 -0.85
C MET A 69 -38.67 -13.91 0.26
N MET A 70 -39.28 -13.16 1.21
CA MET A 70 -40.04 -13.73 2.34
C MET A 70 -41.29 -14.46 1.88
N THR A 71 -41.95 -13.95 0.81
CA THR A 71 -43.14 -14.60 0.25
C THR A 71 -42.74 -15.91 -0.43
N ALA A 72 -41.64 -15.90 -1.23
CA ALA A 72 -41.18 -17.12 -1.92
C ALA A 72 -40.71 -18.24 -0.95
N CYS A 73 -40.17 -17.87 0.23
CA CYS A 73 -39.68 -18.79 1.25
C CYS A 73 -40.68 -19.05 2.40
N GLN A 74 -41.96 -18.73 2.19
CA GLN A 74 -43.04 -18.86 3.19
C GLN A 74 -43.16 -20.22 3.89
N GLY A 75 -42.91 -21.30 3.16
CA GLY A 75 -43.00 -22.67 3.66
C GLY A 75 -42.04 -23.06 4.77
N ALA B 2 -16.56 -20.51 14.45
CA ALA B 2 -15.90 -21.54 15.18
C ALA B 2 -15.39 -22.64 14.29
N GLN B 3 -14.45 -22.35 13.43
CA GLN B 3 -13.65 -23.45 12.90
C GLN B 3 -12.22 -23.11 12.43
N VAL B 4 -12.00 -22.42 11.31
CA VAL B 4 -10.60 -22.05 11.08
C VAL B 4 -10.28 -20.79 11.90
N GLN B 5 -9.15 -20.76 12.65
CA GLN B 5 -8.76 -19.53 13.33
C GLN B 5 -7.87 -18.75 12.37
N LEU B 6 -8.28 -17.53 12.10
CA LEU B 6 -7.51 -16.65 11.22
C LEU B 6 -6.39 -16.00 12.03
N VAL B 7 -5.32 -15.60 11.36
CA VAL B 7 -4.19 -14.96 12.02
C VAL B 7 -3.85 -13.67 11.29
N GLU B 8 -3.91 -12.56 12.01
CA GLU B 8 -3.58 -11.24 11.46
C GLU B 8 -2.10 -10.92 11.68
N SER B 9 -1.50 -10.18 10.75
CA SER B 9 -0.13 -9.69 10.89
C SER B 9 -0.02 -8.36 10.15
N GLY B 10 1.12 -7.70 10.28
CA GLY B 10 1.38 -6.46 9.56
C GLY B 10 1.14 -5.19 10.34
N GLY B 11 0.66 -5.31 11.58
CA GLY B 11 0.51 -4.15 12.45
C GLY B 11 1.86 -3.58 12.83
N GLY B 12 1.88 -2.36 13.33
CA GLY B 12 3.13 -1.75 13.76
C GLY B 12 2.97 -0.35 14.30
N LEU B 13 4.10 0.32 14.52
CA LEU B 13 4.12 1.69 15.02
C LEU B 13 4.62 2.57 13.89
N VAL B 14 3.81 3.52 13.43
CA VAL B 14 4.15 4.38 12.30
C VAL B 14 3.72 5.82 12.57
N GLN B 15 4.40 6.79 11.98
CA GLN B 15 3.99 8.20 12.20
C GLN B 15 2.81 8.52 11.29
N ALA B 16 1.98 9.51 11.68
CA ALA B 16 0.83 9.99 10.89
C ALA B 16 1.27 10.29 9.46
N GLY B 17 0.47 9.82 8.51
CA GLY B 17 0.76 9.97 7.08
C GLY B 17 1.38 8.75 6.46
N GLY B 18 1.85 7.84 7.32
CA GLY B 18 2.50 6.60 6.92
C GLY B 18 1.51 5.54 6.48
N SER B 19 2.04 4.38 6.09
CA SER B 19 1.23 3.26 5.63
C SER B 19 1.60 1.96 6.33
N LEU B 20 0.68 1.01 6.33
CA LEU B 20 0.89 -0.37 6.72
C LEU B 20 0.12 -1.26 5.77
N ARG B 21 0.40 -2.54 5.80
CA ARG B 21 -0.40 -3.53 5.06
C ARG B 21 -0.67 -4.69 6.00
N LEU B 22 -1.97 -4.88 6.33
CA LEU B 22 -2.32 -6.01 7.18
C LEU B 22 -2.59 -7.19 6.31
N SER B 23 -2.27 -8.37 6.81
CA SER B 23 -2.50 -9.63 6.14
C SER B 23 -3.28 -10.52 7.11
N CYS B 24 -4.13 -11.35 6.54
CA CYS B 24 -4.92 -12.29 7.25
C CYS B 24 -4.82 -13.65 6.55
N ALA B 25 -4.40 -14.64 7.27
CA ALA B 25 -4.09 -15.90 6.69
C ALA B 25 -4.35 -17.09 7.62
N ALA B 26 -4.28 -18.25 7.02
CA ALA B 26 -4.48 -19.50 7.66
C ALA B 26 -3.89 -20.50 6.65
N SER B 27 -2.57 -20.62 6.69
CA SER B 27 -1.79 -21.40 5.72
C SER B 27 -2.26 -22.83 5.67
N GLY B 28 -2.61 -23.27 4.48
CA GLY B 28 -3.09 -24.63 4.24
C GLY B 28 -4.55 -24.87 4.53
N SER B 29 -5.28 -23.83 4.99
CA SER B 29 -6.71 -23.96 5.30
C SER B 29 -7.60 -23.27 4.28
N PHE B 30 -8.81 -23.81 4.12
CA PHE B 30 -9.83 -23.23 3.25
C PHE B 30 -10.68 -22.37 4.20
N PHE B 31 -10.38 -21.07 4.24
CA PHE B 31 -11.04 -20.20 5.21
C PHE B 31 -11.86 -19.10 4.58
N MET B 32 -11.54 -18.75 3.33
CA MET B 32 -12.22 -17.67 2.64
C MET B 32 -13.65 -18.04 2.43
N SER B 33 -14.53 -17.12 2.78
CA SER B 33 -15.95 -17.27 2.56
C SER B 33 -16.26 -16.25 1.47
N ASN B 34 -17.45 -16.35 0.85
CA ASN B 34 -17.82 -15.40 -0.19
C ASN B 34 -17.69 -13.94 0.24
N VAL B 35 -18.00 -13.62 1.51
CA VAL B 35 -17.82 -12.27 2.06
C VAL B 35 -16.77 -12.33 3.21
N MET B 36 -15.78 -11.41 3.21
CA MET B 36 -14.78 -11.33 4.28
C MET B 36 -14.69 -9.88 4.71
N ALA B 37 -14.26 -9.62 5.95
CA ALA B 37 -14.24 -8.25 6.42
C ALA B 37 -13.09 -7.98 7.37
N TRP B 38 -12.77 -6.69 7.53
CA TRP B 38 -11.83 -6.21 8.54
C TRP B 38 -12.66 -5.38 9.52
N TYR B 39 -12.37 -5.58 10.81
CA TYR B 39 -12.98 -4.88 11.92
C TYR B 39 -11.85 -4.17 12.64
N ARG B 40 -12.19 -2.99 13.19
CA ARG B 40 -11.31 -2.10 13.96
C ARG B 40 -11.90 -2.06 15.38
N GLN B 41 -11.04 -2.21 16.41
CA GLN B 41 -11.50 -2.16 17.81
C GLN B 41 -10.52 -1.34 18.64
N ALA B 42 -10.93 -0.11 18.97
CA ALA B 42 -10.14 0.80 19.79
C ALA B 42 -10.35 0.40 21.27
N PRO B 43 -9.36 0.57 22.18
CA PRO B 43 -9.55 0.09 23.57
C PRO B 43 -10.82 0.57 24.25
N GLY B 44 -11.54 -0.37 24.85
CA GLY B 44 -12.80 -0.11 25.56
C GLY B 44 -13.97 0.27 24.68
N LYS B 45 -13.84 0.06 23.35
CA LYS B 45 -14.90 0.39 22.40
C LYS B 45 -15.39 -0.84 21.68
N ALA B 46 -16.61 -0.75 21.11
CA ALA B 46 -17.20 -1.86 20.34
C ALA B 46 -16.38 -2.01 19.05
N ARG B 47 -16.35 -3.21 18.48
CA ARG B 47 -15.64 -3.36 17.20
C ARG B 47 -16.45 -2.67 16.09
N GLU B 48 -15.77 -2.15 15.10
CA GLU B 48 -16.42 -1.46 13.99
C GLU B 48 -16.11 -2.21 12.71
N LEU B 49 -17.13 -2.51 11.90
CA LEU B 49 -16.90 -3.18 10.62
C LEU B 49 -16.47 -2.07 9.62
N ILE B 50 -15.20 -2.09 9.19
CA ILE B 50 -14.66 -0.99 8.37
C ILE B 50 -14.47 -1.24 6.89
N ALA B 51 -14.33 -2.52 6.48
CA ALA B 51 -14.12 -2.85 5.07
C ALA B 51 -14.53 -4.29 4.84
N ALA B 52 -15.14 -4.56 3.67
CA ALA B 52 -15.55 -5.91 3.33
C ALA B 52 -15.40 -6.11 1.82
N ILE B 53 -15.28 -7.36 1.41
CA ILE B 53 -15.06 -7.75 0.03
C ILE B 53 -15.87 -9.00 -0.26
N ARG B 54 -16.47 -9.07 -1.46
CA ARG B 54 -17.25 -10.24 -1.87
C ARG B 54 -16.49 -10.91 -3.03
N GLY B 55 -16.23 -12.21 -2.94
CA GLY B 55 -15.52 -12.96 -3.98
C GLY B 55 -16.29 -13.06 -5.28
N GLY B 56 -15.59 -13.34 -6.37
CA GLY B 56 -16.22 -13.40 -7.68
C GLY B 56 -16.14 -12.04 -8.34
N ASP B 57 -17.10 -11.15 -8.06
CA ASP B 57 -17.09 -9.80 -8.62
C ASP B 57 -16.10 -8.85 -7.93
N MET B 58 -15.55 -9.26 -6.75
CA MET B 58 -14.59 -8.50 -5.95
C MET B 58 -15.17 -7.15 -5.52
N SER B 59 -16.50 -7.10 -5.30
CA SER B 59 -17.16 -5.87 -4.87
C SER B 59 -16.59 -5.53 -3.50
N THR B 60 -16.42 -4.26 -3.20
CA THR B 60 -15.93 -3.86 -1.87
C THR B 60 -16.79 -2.76 -1.30
N VAL B 61 -16.80 -2.63 0.01
CA VAL B 61 -17.43 -1.53 0.70
C VAL B 61 -16.55 -1.07 1.86
N TYR B 62 -16.63 0.21 2.22
CA TYR B 62 -15.80 0.80 3.28
C TYR B 62 -16.60 1.69 4.17
N ASP B 63 -16.19 1.77 5.44
CA ASP B 63 -16.76 2.73 6.36
C ASP B 63 -16.28 4.12 5.90
N ASP B 64 -17.10 5.19 6.10
CA ASP B 64 -16.73 6.56 5.72
C ASP B 64 -15.37 7.01 6.25
N SER B 65 -15.01 6.60 7.47
CA SER B 65 -13.74 6.97 8.12
C SER B 65 -12.47 6.48 7.42
N VAL B 66 -12.57 5.47 6.52
CA VAL B 66 -11.40 4.89 5.84
C VAL B 66 -11.41 5.03 4.30
N LYS B 67 -12.52 5.55 3.74
CA LYS B 67 -12.67 5.74 2.30
C LYS B 67 -11.52 6.57 1.72
N GLY B 68 -11.03 6.13 0.58
CA GLY B 68 -9.92 6.77 -0.12
C GLY B 68 -8.56 6.61 0.54
N ARG B 69 -8.50 5.87 1.67
CA ARG B 69 -7.24 5.63 2.41
C ARG B 69 -6.93 4.14 2.47
N PHE B 70 -7.95 3.33 2.77
CA PHE B 70 -7.76 1.88 2.90
C PHE B 70 -8.30 1.09 1.71
N THR B 71 -7.66 -0.06 1.42
CA THR B 71 -8.09 -0.94 0.34
C THR B 71 -8.05 -2.38 0.81
N ILE B 72 -9.18 -3.05 0.71
CA ILE B 72 -9.28 -4.47 1.05
C ILE B 72 -9.14 -5.26 -0.26
N THR B 73 -8.27 -6.27 -0.27
CA THR B 73 -8.11 -7.16 -1.43
C THR B 73 -7.99 -8.58 -0.94
N ARG B 74 -8.23 -9.55 -1.83
CA ARG B 74 -8.06 -10.97 -1.50
C ARG B 74 -7.25 -11.62 -2.58
N ASP B 75 -6.20 -12.35 -2.20
CA ASP B 75 -5.38 -13.03 -3.18
C ASP B 75 -5.73 -14.50 -3.02
N ASP B 76 -6.55 -15.03 -3.92
CA ASP B 76 -6.99 -16.42 -3.86
C ASP B 76 -5.88 -17.43 -4.15
N ASP B 77 -4.85 -17.05 -4.92
CA ASP B 77 -3.74 -17.96 -5.20
C ASP B 77 -2.84 -18.13 -3.98
N LYS B 78 -2.51 -17.02 -3.29
CA LYS B 78 -1.70 -17.05 -2.07
C LYS B 78 -2.53 -17.37 -0.83
N ASN B 79 -3.87 -17.27 -0.97
CA ASN B 79 -4.83 -17.55 0.11
C ASN B 79 -4.63 -16.56 1.30
N ILE B 80 -4.63 -15.28 0.99
CA ILE B 80 -4.42 -14.21 1.98
C ILE B 80 -5.41 -13.09 1.72
N LEU B 81 -5.98 -12.51 2.81
CA LEU B 81 -6.82 -11.33 2.74
C LEU B 81 -5.93 -10.17 3.20
N TYR B 82 -6.00 -9.03 2.50
CA TYR B 82 -5.18 -7.89 2.87
C TYR B 82 -5.98 -6.65 3.22
N LEU B 83 -5.35 -5.74 3.98
CA LEU B 83 -5.88 -4.40 4.22
C LEU B 83 -4.75 -3.41 4.01
N GLN B 84 -4.72 -2.75 2.86
CA GLN B 84 -3.70 -1.73 2.59
C GLN B 84 -4.18 -0.47 3.33
N MET B 85 -3.32 0.12 4.18
CA MET B 85 -3.69 1.29 4.96
C MET B 85 -2.75 2.44 4.61
N ASN B 86 -3.24 3.46 3.90
CA ASN B 86 -2.45 4.63 3.53
C ASN B 86 -2.93 5.81 4.33
N ASP B 87 -2.13 6.89 4.37
CA ASP B 87 -2.47 8.16 5.03
C ASP B 87 -3.00 7.94 6.44
N LEU B 88 -2.25 7.14 7.24
CA LEU B 88 -2.67 6.82 8.60
C LEU B 88 -2.76 8.05 9.49
N LYS B 89 -3.70 8.02 10.42
CA LYS B 89 -4.01 9.10 11.35
C LYS B 89 -3.94 8.56 12.77
N PRO B 90 -3.58 9.39 13.78
CA PRO B 90 -3.58 8.90 15.17
C PRO B 90 -4.89 8.21 15.57
N GLU B 91 -6.04 8.67 15.00
CA GLU B 91 -7.37 8.11 15.28
C GLU B 91 -7.53 6.68 14.77
N ASP B 92 -6.65 6.21 13.87
CA ASP B 92 -6.66 4.82 13.38
C ASP B 92 -6.06 3.83 14.38
N THR B 93 -5.44 4.34 15.48
CA THR B 93 -4.83 3.47 16.51
C THR B 93 -5.88 2.54 17.08
N ALA B 94 -5.66 1.22 16.92
CA ALA B 94 -6.62 0.20 17.34
C ALA B 94 -6.08 -1.18 17.05
N MET B 95 -6.77 -2.22 17.56
CA MET B 95 -6.45 -3.60 17.19
C MET B 95 -7.33 -3.87 15.96
N TYR B 96 -6.78 -4.54 14.95
CA TYR B 96 -7.51 -4.86 13.71
C TYR B 96 -7.67 -6.38 13.60
N TYR B 97 -8.86 -6.82 13.20
CA TYR B 97 -9.24 -8.22 13.11
C TYR B 97 -9.87 -8.53 11.79
N CYS B 98 -9.50 -9.65 11.18
CA CYS B 98 -10.22 -10.12 9.99
C CYS B 98 -11.29 -11.16 10.35
N LYS B 99 -12.25 -11.29 9.48
CA LYS B 99 -13.36 -12.20 9.72
C LYS B 99 -13.90 -12.80 8.43
N ALA B 100 -14.24 -14.09 8.47
CA ALA B 100 -14.90 -14.82 7.38
C ALA B 100 -16.11 -15.47 8.01
N SER B 101 -17.10 -15.85 7.21
CA SER B 101 -18.26 -16.54 7.75
C SER B 101 -17.79 -17.88 8.34
N GLY B 102 -18.09 -18.10 9.61
CA GLY B 102 -17.73 -19.31 10.34
C GLY B 102 -16.34 -19.34 10.97
N SER B 103 -15.51 -18.29 10.75
CA SER B 103 -14.16 -18.32 11.31
C SER B 103 -14.12 -17.98 12.78
N SER B 104 -13.08 -18.47 13.47
CA SER B 104 -12.87 -18.15 14.88
C SER B 104 -12.10 -16.85 14.89
N TRP B 105 -12.44 -15.94 15.83
CA TRP B 105 -11.72 -14.67 15.94
C TRP B 105 -10.27 -14.92 16.25
N GLY B 106 -9.41 -14.18 15.56
CA GLY B 106 -7.98 -14.26 15.75
C GLY B 106 -7.52 -13.36 16.88
N GLN B 107 -6.23 -13.30 17.09
CA GLN B 107 -5.67 -12.46 18.15
C GLN B 107 -5.56 -10.99 17.72
N GLY B 108 -5.76 -10.70 16.44
CA GLY B 108 -5.68 -9.32 15.96
C GLY B 108 -4.27 -8.83 15.80
N THR B 109 -4.13 -7.65 15.20
CA THR B 109 -2.86 -7.01 14.99
C THR B 109 -2.99 -5.53 15.39
N GLN B 110 -2.05 -5.08 16.20
CA GLN B 110 -2.07 -3.70 16.70
C GLN B 110 -1.50 -2.69 15.71
N VAL B 111 -2.25 -1.63 15.47
CA VAL B 111 -1.81 -0.50 14.64
C VAL B 111 -1.71 0.71 15.57
N THR B 112 -0.51 1.29 15.72
CA THR B 112 -0.32 2.48 16.54
C THR B 112 0.22 3.59 15.67
N VAL B 113 -0.50 4.73 15.63
CA VAL B 113 -0.12 5.84 14.77
C VAL B 113 0.21 7.05 15.65
N SER B 114 1.46 7.52 15.60
CA SER B 114 1.89 8.66 16.41
C SER B 114 1.69 10.00 15.69
N SER B 115 1.62 11.06 16.46
CA SER B 115 1.73 12.43 16.03
C SER B 115 0.42 13.13 15.84
N THR C 3 28.92 13.03 -3.12
CA THR C 3 27.93 13.84 -3.83
C THR C 3 26.96 12.90 -4.53
N SER C 4 25.66 13.22 -4.53
CA SER C 4 24.72 12.42 -5.29
C SER C 4 24.94 12.68 -6.79
N ILE C 5 24.88 11.62 -7.59
CA ILE C 5 24.96 11.76 -9.05
C ILE C 5 23.84 12.70 -9.60
N LEU C 6 22.68 12.76 -8.91
CA LEU C 6 21.53 13.60 -9.31
C LEU C 6 21.91 15.09 -9.38
N ASP C 7 22.91 15.51 -8.59
CA ASP C 7 23.36 16.89 -8.46
C ASP C 7 24.47 17.30 -9.43
N ILE C 8 25.00 16.35 -10.22
CA ILE C 8 26.05 16.73 -11.18
C ILE C 8 25.42 17.36 -12.39
N ARG C 9 25.57 18.68 -12.54
CA ARG C 9 24.99 19.42 -13.65
C ARG C 9 26.06 20.23 -14.36
N GLN C 10 26.04 20.19 -15.69
CA GLN C 10 27.03 20.91 -16.51
C GLN C 10 26.92 22.43 -16.29
N GLY C 11 28.06 23.07 -16.06
CA GLY C 11 28.12 24.52 -15.88
C GLY C 11 27.79 25.22 -17.20
N PRO C 12 27.31 26.50 -17.15
CA PRO C 12 26.98 27.20 -18.41
C PRO C 12 28.13 27.34 -19.40
N LYS C 13 29.36 27.44 -18.90
CA LYS C 13 30.54 27.56 -19.78
C LYS C 13 31.48 26.35 -19.64
N GLU C 14 31.03 25.29 -18.95
CA GLU C 14 31.84 24.08 -18.74
C GLU C 14 31.88 23.22 -20.00
N PRO C 15 33.10 22.87 -20.52
CA PRO C 15 33.17 21.98 -21.70
C PRO C 15 32.50 20.64 -21.39
N PHE C 16 31.77 20.08 -22.37
CA PHE C 16 31.07 18.82 -22.22
C PHE C 16 31.96 17.68 -21.71
N ARG C 17 33.22 17.59 -22.20
CA ARG C 17 34.20 16.58 -21.75
C ARG C 17 34.51 16.69 -20.24
N ASP C 18 34.55 17.89 -19.73
CA ASP C 18 34.82 18.13 -18.35
C ASP C 18 33.62 17.75 -17.47
N TYR C 19 32.42 18.02 -17.94
CA TYR C 19 31.19 17.64 -17.24
C TYR C 19 31.12 16.10 -17.23
N VAL C 20 31.41 15.45 -18.37
CA VAL C 20 31.43 13.98 -18.50
C VAL C 20 32.35 13.38 -17.43
N ASP C 21 33.56 13.97 -17.26
CA ASP C 21 34.54 13.52 -16.28
C ASP C 21 34.03 13.61 -14.86
N ARG C 22 33.43 14.74 -14.50
CA ARG C 22 32.88 14.94 -13.18
C ARG C 22 31.73 13.95 -12.91
N PHE C 23 30.89 13.76 -13.91
CA PHE C 23 29.73 12.87 -13.87
C PHE C 23 30.18 11.45 -13.56
N TYR C 24 31.12 10.92 -14.38
CA TYR C 24 31.61 9.56 -14.18
C TYR C 24 32.38 9.35 -12.89
N LYS C 25 33.17 10.31 -12.50
CA LYS C 25 33.83 10.26 -11.22
C LYS C 25 32.87 10.16 -10.05
N THR C 26 31.85 11.00 -10.04
CA THR C 26 30.83 10.97 -9.00
C THR C 26 30.05 9.64 -9.02
N LEU C 27 29.68 9.17 -10.22
CA LEU C 27 28.91 7.93 -10.35
C LEU C 27 29.74 6.71 -9.91
N ARG C 28 31.05 6.73 -10.18
CA ARG C 28 31.94 5.65 -9.72
C ARG C 28 31.96 5.62 -8.19
N ALA C 29 31.95 6.80 -7.55
CA ALA C 29 31.96 6.95 -6.10
C ALA C 29 30.62 6.59 -5.42
N GLU C 30 29.49 6.67 -6.17
CA GLU C 30 28.17 6.29 -5.61
C GLU C 30 28.15 4.82 -5.19
N GLN C 31 27.51 4.54 -4.06
CA GLN C 31 27.34 3.18 -3.57
C GLN C 31 26.06 2.67 -4.22
N ALA C 32 26.21 1.95 -5.35
CA ALA C 32 25.08 1.41 -6.09
C ALA C 32 25.53 0.23 -6.94
N SER C 33 24.56 -0.58 -7.41
CA SER C 33 24.86 -1.71 -8.28
C SER C 33 25.24 -1.15 -9.67
N GLN C 34 25.88 -1.98 -10.51
CA GLN C 34 26.26 -1.57 -11.87
C GLN C 34 25.01 -1.29 -12.71
N GLU C 35 23.94 -2.07 -12.51
CA GLU C 35 22.65 -1.87 -13.20
C GLU C 35 22.08 -0.47 -12.86
N VAL C 36 22.11 -0.07 -11.58
CA VAL C 36 21.62 1.26 -11.17
C VAL C 36 22.52 2.36 -11.80
N LYS C 37 23.85 2.18 -11.75
CA LYS C 37 24.81 3.13 -12.35
C LYS C 37 24.59 3.29 -13.84
N ASN C 38 24.36 2.18 -14.56
CA ASN C 38 24.07 2.24 -16.00
C ASN C 38 22.80 3.01 -16.32
N TRP C 39 21.76 2.77 -15.51
CA TRP C 39 20.49 3.47 -15.66
C TRP C 39 20.72 4.96 -15.48
N MET C 40 21.49 5.36 -14.45
CA MET C 40 21.80 6.77 -14.16
C MET C 40 22.49 7.44 -15.36
N THR C 41 23.45 6.73 -16.00
CA THR C 41 24.13 7.29 -17.17
C THR C 41 23.12 7.56 -18.29
N GLU C 42 22.20 6.62 -18.57
CA GLU C 42 21.21 6.79 -19.66
C GLU C 42 20.17 7.86 -19.34
N THR C 43 19.84 8.03 -18.07
CA THR C 43 18.84 8.97 -17.63
C THR C 43 19.34 10.39 -17.31
N LEU C 44 20.52 10.53 -16.75
CA LEU C 44 21.01 11.83 -16.29
C LEU C 44 21.98 12.56 -17.15
N LEU C 45 22.86 11.85 -17.85
CA LEU C 45 23.92 12.51 -18.60
C LEU C 45 23.46 13.62 -19.57
N VAL C 46 22.50 13.31 -20.46
CA VAL C 46 21.93 14.31 -21.38
C VAL C 46 21.02 15.30 -20.62
N GLN C 47 20.19 14.79 -19.69
CA GLN C 47 19.26 15.59 -18.87
C GLN C 47 19.98 16.70 -18.06
N ASN C 48 21.14 16.37 -17.51
CA ASN C 48 21.90 17.30 -16.68
C ASN C 48 22.92 18.14 -17.46
N ALA C 49 22.94 18.03 -18.80
CA ALA C 49 23.85 18.86 -19.61
C ALA C 49 23.28 20.31 -19.68
N ASN C 50 24.14 21.30 -19.96
CA ASN C 50 23.71 22.69 -20.06
C ASN C 50 22.75 22.91 -21.29
N PRO C 51 22.01 24.03 -21.41
CA PRO C 51 21.07 24.17 -22.55
C PRO C 51 21.67 24.00 -23.96
N ASP C 52 22.89 24.51 -24.19
CA ASP C 52 23.61 24.40 -25.48
C ASP C 52 23.85 22.95 -25.85
N CYS C 53 24.40 22.16 -24.94
CA CYS C 53 24.69 20.75 -25.20
C CYS C 53 23.45 19.87 -25.22
N LYS C 54 22.44 20.21 -24.41
CA LYS C 54 21.17 19.48 -24.37
C LYS C 54 20.49 19.54 -25.76
N THR C 55 20.57 20.70 -26.37
CA THR C 55 20.03 20.99 -27.68
C THR C 55 20.63 20.16 -28.83
N ILE C 56 21.94 20.01 -28.79
CA ILE C 56 22.76 19.20 -29.70
C ILE C 56 22.49 17.69 -29.49
N LEU C 57 22.53 17.23 -28.22
CA LEU C 57 22.34 15.83 -27.84
C LEU C 57 20.94 15.30 -28.13
N LYS C 58 19.92 16.13 -27.97
CA LYS C 58 18.55 15.72 -28.15
C LYS C 58 18.31 15.48 -29.61
N ALA C 59 18.92 16.34 -30.40
CA ALA C 59 18.90 16.31 -31.86
C ALA C 59 19.39 15.00 -32.46
N LEU C 60 20.30 14.30 -31.80
CA LEU C 60 20.71 12.99 -32.30
C LEU C 60 19.60 11.96 -32.10
N ALA C 64 22.62 6.56 -29.31
CA ALA C 64 23.78 7.43 -29.18
C ALA C 64 24.78 7.03 -28.09
N THR C 65 26.03 6.81 -28.51
CA THR C 65 27.14 6.37 -27.66
C THR C 65 27.75 7.56 -26.94
N LEU C 66 28.56 7.37 -25.90
CA LEU C 66 29.27 8.46 -25.23
C LEU C 66 30.25 9.15 -26.18
N GLU C 67 30.92 8.37 -27.06
CA GLU C 67 31.87 8.89 -28.05
C GLU C 67 31.19 9.76 -29.13
N GLU C 68 29.93 9.49 -29.46
CA GLU C 68 29.18 10.31 -30.41
C GLU C 68 28.65 11.58 -29.76
N MET C 69 28.31 11.45 -28.50
CA MET C 69 27.84 12.58 -27.69
C MET C 69 28.95 13.61 -27.50
N MET C 70 30.17 13.14 -27.11
CA MET C 70 31.35 13.99 -26.87
C MET C 70 31.84 14.65 -28.15
N THR C 71 31.68 14.01 -29.31
CA THR C 71 32.03 14.68 -30.58
C THR C 71 31.01 15.71 -31.03
N ALA C 72 29.75 15.47 -30.79
CA ALA C 72 28.70 16.38 -31.19
C ALA C 72 28.73 17.69 -30.40
N CYS C 73 29.19 17.60 -29.17
CA CYS C 73 29.49 18.73 -28.33
C CYS C 73 31.00 18.83 -28.34
N GLN D 3 19.01 24.89 -1.63
CA GLN D 3 18.33 24.08 -0.62
C GLN D 3 16.83 24.22 -0.52
N VAL D 4 16.10 23.89 -1.56
CA VAL D 4 14.84 23.24 -1.39
C VAL D 4 15.21 21.97 -0.61
N GLN D 5 14.66 21.82 0.55
CA GLN D 5 14.95 20.65 1.35
C GLN D 5 13.75 19.71 1.30
N LEU D 6 14.03 18.48 0.94
CA LEU D 6 12.99 17.46 0.86
C LEU D 6 12.72 16.94 2.24
N VAL D 7 11.47 16.49 2.52
CA VAL D 7 11.10 15.97 3.83
C VAL D 7 10.50 14.59 3.68
N GLU D 8 11.14 13.61 4.32
CA GLU D 8 10.71 12.21 4.31
C GLU D 8 9.76 11.95 5.48
N SER D 9 8.78 11.05 5.28
CA SER D 9 7.87 10.59 6.33
C SER D 9 7.46 9.13 6.04
N GLY D 10 6.76 8.51 6.97
CA GLY D 10 6.24 7.16 6.78
C GLY D 10 7.09 6.04 7.37
N GLY D 11 8.21 6.40 8.00
CA GLY D 11 9.03 5.42 8.69
C GLY D 11 8.31 4.86 9.90
N GLY D 12 8.78 3.72 10.40
CA GLY D 12 8.12 3.10 11.56
C GLY D 12 8.77 1.83 12.01
N LEU D 13 8.13 1.17 12.99
CA LEU D 13 8.63 -0.06 13.55
C LEU D 13 7.66 -1.17 13.20
N VAL D 14 8.12 -2.15 12.44
CA VAL D 14 7.25 -3.23 11.96
C VAL D 14 7.95 -4.58 12.08
N GLN D 15 7.20 -5.68 12.19
CA GLN D 15 7.84 -7.00 12.25
C GLN D 15 8.20 -7.46 10.83
N ALA D 16 9.21 -8.33 10.70
CA ALA D 16 9.62 -8.92 9.42
C ALA D 16 8.40 -9.49 8.68
N GLY D 17 8.29 -9.18 7.39
CA GLY D 17 7.17 -9.60 6.56
C GLY D 17 6.13 -8.51 6.36
N GLY D 18 6.20 -7.47 7.20
CA GLY D 18 5.28 -6.34 7.16
C GLY D 18 5.59 -5.36 6.05
N SER D 19 4.80 -4.28 6.00
CA SER D 19 4.96 -3.24 4.97
C SER D 19 4.99 -1.84 5.55
N LEU D 20 5.51 -0.92 4.77
CA LEU D 20 5.50 0.49 5.04
C LEU D 20 5.38 1.23 3.69
N ARG D 21 5.12 2.53 3.74
N ARG D 21 5.13 2.54 3.74
CA ARG D 21 5.18 3.37 2.54
CA ARG D 21 5.20 3.34 2.52
C ARG D 21 5.80 4.68 2.95
C ARG D 21 5.77 4.69 2.89
N LEU D 22 6.96 4.98 2.36
CA LEU D 22 7.62 6.25 2.65
C LEU D 22 7.13 7.27 1.65
N SER D 23 7.07 8.52 2.10
CA SER D 23 6.64 9.65 1.26
C SER D 23 7.74 10.70 1.35
N CYS D 24 7.85 11.46 0.30
CA CYS D 24 8.82 12.51 0.18
C CYS D 24 8.16 13.70 -0.50
N ALA D 25 8.23 14.83 0.17
CA ALA D 25 7.59 16.01 -0.35
C ALA D 25 8.23 17.29 0.13
N ALA D 26 7.84 18.38 -0.49
CA ALA D 26 8.26 19.74 -0.13
C ALA D 26 7.17 20.70 -0.52
N SER D 27 6.13 20.74 0.30
CA SER D 27 4.97 21.53 0.03
C SER D 27 5.37 23.01 0.00
N GLY D 28 4.89 23.68 -1.00
CA GLY D 28 5.25 25.06 -1.27
C GLY D 28 6.51 25.25 -2.07
N SER D 29 7.25 24.15 -2.36
CA SER D 29 8.50 24.22 -3.15
C SER D 29 8.37 23.59 -4.52
N PHE D 30 9.17 24.05 -5.47
CA PHE D 30 9.21 23.51 -6.83
C PHE D 30 10.39 22.52 -6.80
N PHE D 31 10.11 21.20 -6.55
CA PHE D 31 11.15 20.16 -6.34
C PHE D 31 11.20 18.87 -7.21
N MET D 32 10.09 18.41 -7.83
CA MET D 32 10.13 17.17 -8.64
C MET D 32 11.08 17.37 -9.83
N SER D 33 12.18 16.61 -9.90
CA SER D 33 13.09 16.73 -11.02
C SER D 33 12.77 15.54 -11.93
N ASN D 34 13.25 15.56 -13.18
CA ASN D 34 12.96 14.45 -14.10
C ASN D 34 13.34 13.07 -13.52
N VAL D 35 14.46 13.02 -12.73
CA VAL D 35 14.93 11.82 -12.06
C VAL D 35 14.87 12.04 -10.54
N MET D 36 14.29 11.07 -9.80
CA MET D 36 14.26 11.15 -8.34
C MET D 36 14.68 9.80 -7.80
N ALA D 37 15.23 9.75 -6.58
CA ALA D 37 15.73 8.49 -6.06
C ALA D 37 15.52 8.37 -4.57
N TRP D 38 15.59 7.13 -4.06
CA TRP D 38 15.60 6.83 -2.64
C TRP D 38 16.95 6.21 -2.34
N TYR D 39 17.55 6.65 -1.24
CA TYR D 39 18.81 6.17 -0.70
C TYR D 39 18.51 5.59 0.69
N ARG D 40 19.36 4.71 1.20
CA ARG D 40 19.23 4.25 2.58
C ARG D 40 20.60 4.17 3.23
N GLN D 41 20.61 4.41 4.54
CA GLN D 41 21.88 4.40 5.28
C GLN D 41 21.66 3.84 6.67
N ALA D 42 22.41 2.80 6.96
CA ALA D 42 22.47 2.19 8.29
C ALA D 42 23.59 2.97 9.05
N PRO D 43 23.52 3.08 10.41
CA PRO D 43 24.56 3.83 11.15
C PRO D 43 26.00 3.42 10.83
N GLY D 44 26.84 4.41 10.54
CA GLY D 44 28.25 4.24 10.21
C GLY D 44 28.53 3.57 8.88
N LYS D 45 27.49 3.47 8.02
CA LYS D 45 27.64 2.84 6.71
C LYS D 45 27.39 3.83 5.58
N ALA D 46 27.87 3.48 4.37
CA ALA D 46 27.70 4.30 3.18
C ALA D 46 26.20 4.41 2.86
N ARG D 47 25.78 5.58 2.42
CA ARG D 47 24.41 5.86 2.01
C ARG D 47 24.28 5.27 0.61
N GLU D 48 23.47 4.24 0.42
CA GLU D 48 23.36 3.55 -0.87
C GLU D 48 22.12 3.93 -1.69
N LEU D 49 22.26 3.96 -3.04
CA LEU D 49 21.16 4.32 -3.97
C LEU D 49 20.37 3.05 -4.24
N ILE D 50 19.10 2.97 -3.74
CA ILE D 50 18.32 1.73 -3.84
C ILE D 50 17.20 1.70 -4.87
N ALA D 51 16.65 2.87 -5.26
CA ALA D 51 15.55 2.93 -6.23
C ALA D 51 15.54 4.31 -6.88
N ALA D 52 15.18 4.37 -8.17
CA ALA D 52 15.09 5.64 -8.86
C ALA D 52 14.01 5.53 -9.93
N ILE D 53 13.46 6.67 -10.30
CA ILE D 53 12.36 6.76 -11.29
C ILE D 53 12.63 7.97 -12.16
N ARG D 54 12.26 7.86 -13.40
CA ARG D 54 12.38 8.87 -14.37
C ARG D 54 10.94 9.21 -14.91
N GLY D 55 10.63 10.53 -14.88
CA GLY D 55 9.35 10.99 -15.40
C GLY D 55 9.25 10.79 -16.90
N GLY D 56 8.03 10.83 -17.42
CA GLY D 56 7.81 10.64 -18.84
C GLY D 56 7.54 9.18 -19.12
N ASP D 57 8.60 8.40 -19.36
CA ASP D 57 8.45 6.96 -19.60
C ASP D 57 8.19 6.14 -18.32
N MET D 58 8.39 6.77 -17.12
CA MET D 58 8.22 6.14 -15.80
C MET D 58 9.13 4.93 -15.62
N SER D 59 10.30 4.98 -16.24
CA SER D 59 11.28 3.90 -16.11
C SER D 59 11.73 3.90 -14.66
N THR D 60 11.96 2.72 -14.10
CA THR D 60 12.43 2.59 -12.72
C THR D 60 13.61 1.65 -12.69
N VAL D 61 14.43 1.78 -11.66
CA VAL D 61 15.55 0.89 -11.41
C VAL D 61 15.71 0.64 -9.91
N TYR D 62 16.12 -0.56 -9.54
CA TYR D 62 16.23 -0.95 -8.15
C TYR D 62 17.52 -1.66 -7.86
N ASP D 63 18.01 -1.51 -6.62
CA ASP D 63 19.15 -2.28 -6.13
C ASP D 63 18.67 -3.75 -6.01
N ASP D 64 19.56 -4.72 -6.28
CA ASP D 64 19.23 -6.15 -6.21
C ASP D 64 18.57 -6.58 -4.89
N SER D 65 19.00 -5.99 -3.77
CA SER D 65 18.47 -6.32 -2.43
C SER D 65 17.00 -5.96 -2.20
N VAL D 66 16.39 -5.08 -3.05
CA VAL D 66 14.99 -4.64 -2.87
C VAL D 66 14.03 -5.05 -4.01
N LYS D 67 14.59 -5.65 -5.07
CA LYS D 67 13.81 -6.09 -6.23
C LYS D 67 12.69 -7.01 -5.82
N GLY D 68 11.53 -6.80 -6.43
CA GLY D 68 10.33 -7.59 -6.16
C GLY D 68 9.67 -7.31 -4.81
N ARG D 69 10.24 -6.38 -4.01
CA ARG D 69 9.68 -6.04 -2.69
C ARG D 69 9.30 -4.58 -2.60
N PHE D 70 10.18 -3.72 -3.15
CA PHE D 70 9.94 -2.26 -3.09
C PHE D 70 9.50 -1.70 -4.44
N THR D 71 8.67 -0.65 -4.40
CA THR D 71 8.21 0.04 -5.59
C THR D 71 8.31 1.53 -5.39
N ILE D 72 9.04 2.18 -6.30
CA ILE D 72 9.11 3.64 -6.30
C ILE D 72 8.05 4.17 -7.28
N THR D 73 7.27 5.15 -6.84
CA THR D 73 6.25 5.78 -7.70
C THR D 73 6.29 7.29 -7.42
N ARG D 74 5.71 8.08 -8.29
CA ARG D 74 5.60 9.50 -8.07
C ARG D 74 4.19 9.95 -8.45
N ASP D 75 3.67 10.87 -7.70
CA ASP D 75 2.35 11.46 -7.93
C ASP D 75 2.64 12.90 -8.36
N ASP D 76 2.54 13.15 -9.66
CA ASP D 76 2.80 14.46 -10.25
C ASP D 76 1.80 15.54 -9.89
N ASP D 77 0.55 15.16 -9.60
CA ASP D 77 -0.46 16.15 -9.24
C ASP D 77 -0.20 16.65 -7.82
N LYS D 78 0.08 15.73 -6.89
CA LYS D 78 0.33 16.05 -5.49
C LYS D 78 1.79 16.42 -5.21
N ASN D 79 2.71 16.17 -6.18
CA ASN D 79 4.15 16.37 -6.11
C ASN D 79 4.78 15.65 -4.90
N ILE D 80 4.50 14.34 -4.83
CA ILE D 80 4.97 13.43 -3.76
C ILE D 80 5.63 12.25 -4.41
N LEU D 81 6.79 11.85 -3.86
CA LEU D 81 7.50 10.66 -4.31
C LEU D 81 7.27 9.62 -3.23
N TYR D 82 7.02 8.37 -3.64
CA TYR D 82 6.76 7.31 -2.67
C TYR D 82 7.73 6.15 -2.78
N LEU D 83 7.85 5.39 -1.69
CA LEU D 83 8.58 4.13 -1.70
C LEU D 83 7.71 3.11 -0.98
N GLN D 84 6.99 2.27 -1.71
CA GLN D 84 6.23 1.19 -1.11
C GLN D 84 7.21 0.06 -0.76
N MET D 85 7.12 -0.41 0.48
CA MET D 85 7.95 -1.42 0.99
C MET D 85 7.15 -2.57 1.54
N ASN D 86 7.17 -3.66 0.80
CA ASN D 86 6.55 -4.90 1.16
C ASN D 86 7.57 -5.94 1.62
N ASP D 87 7.11 -6.97 2.31
CA ASP D 87 7.96 -8.07 2.68
C ASP D 87 9.25 -7.60 3.39
N LEU D 88 9.12 -6.69 4.31
CA LEU D 88 10.27 -6.15 5.02
C LEU D 88 11.12 -7.20 5.79
N LYS D 89 12.41 -6.93 5.85
CA LYS D 89 13.42 -7.79 6.48
C LYS D 89 14.22 -7.00 7.52
N PRO D 90 14.72 -7.66 8.56
CA PRO D 90 15.56 -6.94 9.52
C PRO D 90 16.70 -6.16 8.84
N GLU D 91 17.27 -6.71 7.74
CA GLU D 91 18.34 -6.04 6.97
C GLU D 91 17.93 -4.70 6.33
N ASP D 92 16.61 -4.45 6.22
CA ASP D 92 16.09 -3.17 5.69
C ASP D 92 16.14 -2.03 6.72
N THR D 93 16.49 -2.33 7.95
CA THR D 93 16.52 -1.35 8.99
C THR D 93 17.54 -0.27 8.63
N ALA D 94 17.10 0.95 8.56
CA ALA D 94 17.98 2.05 8.18
C ALA D 94 17.23 3.37 8.12
N MET D 95 17.96 4.45 7.98
CA MET D 95 17.41 5.74 7.63
C MET D 95 17.27 5.85 6.13
N TYR D 96 16.11 6.31 5.69
CA TYR D 96 15.83 6.41 4.25
C TYR D 96 15.71 7.86 3.85
N TYR D 97 16.31 8.22 2.72
CA TYR D 97 16.36 9.59 2.23
C TYR D 97 15.94 9.66 0.78
N CYS D 98 15.18 10.68 0.41
CA CYS D 98 14.86 10.91 -1.01
C CYS D 98 15.73 12.01 -1.56
N LYS D 99 15.81 12.05 -2.85
CA LYS D 99 16.70 12.98 -3.52
C LYS D 99 16.14 13.35 -4.91
N ALA D 100 16.26 14.63 -5.23
CA ALA D 100 15.91 15.17 -6.54
C ALA D 100 17.15 15.94 -6.99
N SER D 101 17.27 16.22 -8.28
CA SER D 101 18.41 16.99 -8.77
C SER D 101 18.34 18.38 -8.16
N GLY D 102 19.42 18.76 -7.47
CA GLY D 102 19.58 20.06 -6.82
C GLY D 102 18.97 20.20 -5.45
N SER D 103 18.31 19.15 -4.93
CA SER D 103 17.69 19.26 -3.61
C SER D 103 18.69 19.11 -2.50
N SER D 104 18.42 19.75 -1.36
N SER D 104 18.44 19.75 -1.37
CA SER D 104 19.17 19.56 -0.15
CA SER D 104 19.27 19.52 -0.21
C SER D 104 18.77 18.26 0.50
C SER D 104 18.78 18.25 0.50
N TRP D 105 19.70 17.60 1.17
CA TRP D 105 19.36 16.37 1.87
C TRP D 105 18.45 16.64 3.04
N GLY D 106 17.41 15.83 3.15
CA GLY D 106 16.44 15.93 4.25
C GLY D 106 16.96 15.24 5.49
N GLN D 107 16.14 15.22 6.53
CA GLN D 107 16.54 14.57 7.79
C GLN D 107 16.36 13.05 7.73
N GLY D 108 15.68 12.56 6.70
CA GLY D 108 15.46 11.13 6.56
C GLY D 108 14.32 10.63 7.44
N THR D 109 13.93 9.38 7.23
CA THR D 109 12.89 8.70 8.01
C THR D 109 13.41 7.34 8.38
N GLN D 110 13.22 6.99 9.65
CA GLN D 110 13.75 5.73 10.16
C GLN D 110 12.80 4.54 9.94
N VAL D 111 13.34 3.47 9.38
CA VAL D 111 12.63 2.21 9.20
C VAL D 111 13.31 1.18 10.11
N THR D 112 12.56 0.58 11.04
CA THR D 112 13.10 -0.44 11.91
C THR D 112 12.28 -1.71 11.75
N VAL D 113 12.93 -2.82 11.39
CA VAL D 113 12.25 -4.08 11.15
C VAL D 113 12.74 -5.13 12.16
N SER D 114 11.84 -5.63 13.01
CA SER D 114 12.20 -6.61 14.03
C SER D 114 12.06 -8.05 13.54
N SER D 115 12.63 -9.03 14.30
CA SER D 115 12.59 -10.47 14.05
C SER D 115 13.20 -10.88 12.71
#